data_4C8I
#
_entry.id   4C8I
#
_cell.length_a   131.700
_cell.length_b   52.460
_cell.length_c   72.140
_cell.angle_alpha   90.00
_cell.angle_beta   94.62
_cell.angle_gamma   90.00
#
_symmetry.space_group_name_H-M   'C 1 2 1'
#
loop_
_entity.id
_entity.type
_entity.pdbx_description
1 polymer '2-C-METHYL-D-ERYTHRITOL 2,4-CYCLODIPHOSPHATE SYNTHASE'
2 non-polymer 'CITRIC ACID'
3 non-polymer 'ZINC ION'
4 non-polymer 'PHOSPHATE ION'
5 water water
#
_entity_poly.entity_id   1
_entity_poly.type   'polypeptide(L)'
_entity_poly.pdbx_seq_one_letter_code
;MGSSHHHHHHSSGENLYFQGHMDVRIGQGYDVHQLVEGRPLIIGGVTIPYERGLLGHSDADVLLHAITDALFGAAALGDI
GRHFSDTDAAFKGADSRVLLRACAERVKAAGFTIQNVDSTVIAQAPKLAPHIDGMRANIAADLGLPLERVNVKAKTNEKL
GYLGRGEGIEAQAAALLVKQGG
;
_entity_poly.pdbx_strand_id   A,B,C
#
loop_
_chem_comp.id
_chem_comp.type
_chem_comp.name
_chem_comp.formula
CIT non-polymer 'CITRIC ACID' 'C6 H8 O7'
PO4 non-polymer 'PHOSPHATE ION' 'O4 P -3'
ZN non-polymer 'ZINC ION' 'Zn 2'
#
# COMPACT_ATOMS: atom_id res chain seq x y z
N MET A 22 -5.40 -23.58 6.71
CA MET A 22 -5.73 -22.28 7.41
C MET A 22 -6.09 -21.21 6.34
N ASP A 23 -7.27 -20.61 6.43
CA ASP A 23 -7.76 -19.73 5.40
C ASP A 23 -7.35 -18.28 5.76
N VAL A 24 -6.16 -17.90 5.32
CA VAL A 24 -5.65 -16.54 5.65
CA VAL A 24 -5.61 -16.55 5.63
C VAL A 24 -6.07 -15.53 4.59
N ARG A 25 -6.36 -14.30 5.02
CA ARG A 25 -6.84 -13.23 4.10
C ARG A 25 -6.11 -11.91 4.38
N ILE A 26 -5.79 -11.16 3.32
CA ILE A 26 -5.14 -9.83 3.44
C ILE A 26 -6.16 -8.69 3.19
N GLY A 27 -5.98 -7.57 3.89
CA GLY A 27 -6.70 -6.37 3.59
C GLY A 27 -5.81 -5.17 3.71
N GLN A 28 -6.18 -4.09 2.99
CA GLN A 28 -5.38 -2.88 3.01
C GLN A 28 -6.33 -1.68 3.01
N GLY A 29 -5.91 -0.59 3.66
CA GLY A 29 -6.76 0.58 3.82
C GLY A 29 -5.97 1.84 3.54
N TYR A 30 -6.72 2.85 3.16
CA TYR A 30 -6.15 4.16 2.83
C TYR A 30 -7.12 5.20 3.29
N ASP A 31 -6.64 6.26 3.93
CA ASP A 31 -7.54 7.40 4.15
C ASP A 31 -6.72 8.69 4.09
N VAL A 32 -7.36 9.82 3.76
CA VAL A 32 -6.68 11.11 3.88
C VAL A 32 -7.75 12.16 4.28
N HIS A 33 -7.40 13.13 5.12
CA HIS A 33 -8.33 14.24 5.42
C HIS A 33 -7.55 15.52 5.39
N GLN A 34 -8.22 16.63 5.06
CA GLN A 34 -7.55 17.93 5.17
C GLN A 34 -7.43 18.34 6.60
N LEU A 35 -6.41 19.14 6.86
CA LEU A 35 -6.20 19.74 8.15
C LEU A 35 -6.72 21.18 8.05
N VAL A 36 -7.51 21.61 9.02
CA VAL A 36 -8.10 22.98 9.00
C VAL A 36 -8.02 23.61 10.42
N GLU A 37 -7.95 24.95 10.47
CA GLU A 37 -8.05 25.73 11.74
C GLU A 37 -9.35 25.34 12.39
N GLY A 38 -9.35 25.29 13.71
CA GLY A 38 -10.60 25.23 14.45
C GLY A 38 -11.24 23.87 14.52
N ARG A 39 -10.41 22.84 14.40
CA ARG A 39 -10.89 21.44 14.57
CA ARG A 39 -10.89 21.48 14.61
C ARG A 39 -9.86 20.75 15.47
N PRO A 40 -10.31 19.80 16.30
CA PRO A 40 -9.25 19.17 17.09
C PRO A 40 -8.50 18.13 16.20
N LEU A 41 -7.20 17.94 16.42
CA LEU A 41 -6.51 16.81 15.76
C LEU A 41 -6.65 15.50 16.58
N ILE A 42 -7.35 14.54 16.02
CA ILE A 42 -7.52 13.26 16.69
C ILE A 42 -7.03 12.18 15.74
N ILE A 43 -6.01 11.42 16.16
CA ILE A 43 -5.46 10.35 15.30
C ILE A 43 -5.29 9.12 16.16
N GLY A 44 -5.75 7.99 15.65
CA GLY A 44 -5.70 6.74 16.42
C GLY A 44 -6.53 6.86 17.73
N GLY A 45 -7.47 7.81 17.75
CA GLY A 45 -8.27 8.11 18.95
C GLY A 45 -7.52 8.96 19.98
N VAL A 46 -6.27 9.34 19.73
CA VAL A 46 -5.55 10.24 20.63
C VAL A 46 -5.75 11.70 20.19
N THR A 47 -6.19 12.56 21.11
CA THR A 47 -6.27 13.99 20.81
C THR A 47 -4.87 14.56 20.96
N ILE A 48 -4.35 15.14 19.90
CA ILE A 48 -3.01 15.74 19.91
C ILE A 48 -3.11 17.28 19.82
N PRO A 49 -2.62 17.97 20.86
CA PRO A 49 -2.56 19.45 20.85
C PRO A 49 -1.96 19.99 19.55
N TYR A 50 -2.71 20.87 18.88
CA TYR A 50 -2.27 21.40 17.60
C TYR A 50 -3.32 22.41 17.19
N GLU A 51 -2.86 23.45 16.48
CA GLU A 51 -3.66 24.60 15.98
C GLU A 51 -4.69 24.20 14.88
N ARG A 52 -4.52 23.02 14.28
CA ARG A 52 -5.45 22.56 13.27
C ARG A 52 -5.81 21.08 13.54
N GLY A 53 -6.88 20.62 12.91
CA GLY A 53 -7.34 19.27 13.06
C GLY A 53 -8.00 18.81 11.77
N LEU A 54 -8.41 17.55 11.76
CA LEU A 54 -8.85 16.92 10.51
C LEU A 54 -10.32 17.19 10.25
N LEU A 55 -10.60 17.56 9.00
CA LEU A 55 -11.96 17.83 8.52
C LEU A 55 -12.60 16.55 7.92
N GLY A 56 -13.81 16.26 8.39
CA GLY A 56 -14.64 15.20 7.84
C GLY A 56 -16.00 15.21 8.52
N HIS A 57 -16.87 14.25 8.17
CA HIS A 57 -18.22 14.10 8.77
CA HIS A 57 -18.19 14.16 8.77
C HIS A 57 -18.11 13.58 10.17
N SER A 58 -17.42 12.43 10.32
CA SER A 58 -17.10 11.87 11.64
C SER A 58 -16.03 12.78 12.21
N ASP A 59 -15.42 12.37 13.32
CA ASP A 59 -14.22 13.02 13.86
C ASP A 59 -13.00 12.99 12.89
N ALA A 60 -13.16 12.34 11.71
CA ALA A 60 -12.16 12.36 10.63
C ALA A 60 -10.83 11.68 11.06
N ASP A 61 -10.89 10.61 11.85
CA ASP A 61 -9.69 10.00 12.37
C ASP A 61 -9.18 9.09 11.28
N VAL A 62 -8.20 9.64 10.56
CA VAL A 62 -7.65 9.05 9.32
C VAL A 62 -7.08 7.66 9.60
N LEU A 63 -6.49 7.49 10.80
CA LEU A 63 -5.81 6.24 11.11
C LEU A 63 -6.86 5.18 11.45
N LEU A 64 -7.85 5.53 12.28
CA LEU A 64 -8.86 4.48 12.59
C LEU A 64 -9.65 4.06 11.31
N HIS A 65 -9.87 5.02 10.41
CA HIS A 65 -10.62 4.80 9.15
C HIS A 65 -9.82 3.87 8.26
N ALA A 66 -8.52 4.10 8.12
CA ALA A 66 -7.69 3.23 7.26
C ALA A 66 -7.67 1.80 7.84
N ILE A 67 -7.56 1.65 9.13
CA ILE A 67 -7.58 0.27 9.72
C ILE A 67 -8.90 -0.41 9.52
N THR A 68 -10.02 0.34 9.69
CA THR A 68 -11.39 -0.19 9.53
C THR A 68 -11.56 -0.71 8.10
N ASP A 69 -11.13 0.10 7.11
CA ASP A 69 -11.15 -0.32 5.70
C ASP A 69 -10.35 -1.60 5.44
N ALA A 70 -9.13 -1.66 5.97
CA ALA A 70 -8.29 -2.87 5.83
C ALA A 70 -9.00 -4.08 6.38
N LEU A 71 -9.69 -3.90 7.50
CA LEU A 71 -10.37 -5.05 8.13
C LEU A 71 -11.58 -5.51 7.32
N PHE A 72 -12.40 -4.58 6.85
CA PHE A 72 -13.51 -4.97 6.02
C PHE A 72 -13.00 -5.58 4.71
N GLY A 73 -11.92 -5.00 4.18
CA GLY A 73 -11.33 -5.47 2.94
C GLY A 73 -10.88 -6.93 3.05
N ALA A 74 -10.20 -7.27 4.15
CA ALA A 74 -9.72 -8.65 4.37
C ALA A 74 -10.91 -9.60 4.47
N ALA A 75 -12.00 -9.12 5.05
CA ALA A 75 -13.17 -10.01 5.34
C ALA A 75 -14.07 -10.06 4.08
N ALA A 76 -13.69 -9.31 3.04
CA ALA A 76 -14.54 -9.02 1.87
C ALA A 76 -15.93 -8.60 2.29
N LEU A 77 -16.01 -7.73 3.29
CA LEU A 77 -17.27 -7.10 3.68
C LEU A 77 -17.43 -5.69 3.13
N GLY A 78 -16.75 -5.40 2.03
CA GLY A 78 -16.92 -4.11 1.35
C GLY A 78 -15.99 -3.09 1.99
N ASP A 79 -16.56 -1.99 2.47
CA ASP A 79 -15.75 -0.81 2.88
C ASP A 79 -16.49 0.05 3.93
N ILE A 80 -15.80 1.07 4.42
CA ILE A 80 -16.33 1.95 5.46
C ILE A 80 -17.66 2.64 5.02
N GLY A 81 -17.68 3.17 3.79
CA GLY A 81 -18.91 3.75 3.16
C GLY A 81 -20.13 2.83 3.07
N ARG A 82 -19.91 1.54 2.84
CA ARG A 82 -21.01 0.55 2.85
C ARG A 82 -21.69 0.38 4.22
N HIS A 83 -20.91 0.42 5.28
CA HIS A 83 -21.41 0.07 6.59
C HIS A 83 -21.77 1.29 7.40
N PHE A 84 -20.99 2.37 7.24
CA PHE A 84 -20.97 3.51 8.15
C PHE A 84 -20.91 4.87 7.41
N ASP A 95 -17.63 9.21 16.73
CA ASP A 95 -16.61 8.18 16.92
C ASP A 95 -16.16 7.20 15.85
N SER A 96 -14.94 7.46 15.45
CA SER A 96 -14.24 6.44 14.70
C SER A 96 -13.98 5.23 15.56
N ARG A 97 -13.78 5.39 16.88
CA ARG A 97 -13.69 4.21 17.78
C ARG A 97 -14.93 3.30 17.75
N VAL A 98 -16.12 3.90 17.82
CA VAL A 98 -17.36 3.16 17.74
C VAL A 98 -17.40 2.37 16.39
N LEU A 99 -16.99 3.03 15.31
CA LEU A 99 -17.05 2.39 14.00
C LEU A 99 -16.05 1.25 13.98
N LEU A 100 -14.89 1.44 14.61
CA LEU A 100 -13.86 0.40 14.53
C LEU A 100 -14.32 -0.79 15.35
N ARG A 101 -14.86 -0.51 16.55
CA ARG A 101 -15.48 -1.58 17.32
C ARG A 101 -16.63 -2.32 16.57
N ALA A 102 -17.50 -1.61 15.84
CA ALA A 102 -18.60 -2.29 15.09
C ALA A 102 -17.98 -3.12 13.93
N CYS A 103 -16.95 -2.55 13.30
CA CYS A 103 -16.20 -3.30 12.28
C CYS A 103 -15.66 -4.66 12.86
N ALA A 104 -14.91 -4.64 13.96
CA ALA A 104 -14.40 -5.86 14.63
C ALA A 104 -15.53 -6.87 14.95
N GLU A 105 -16.67 -6.39 15.44
CA GLU A 105 -17.92 -7.24 15.61
CA GLU A 105 -17.81 -7.30 15.64
C GLU A 105 -18.32 -7.95 14.31
N ARG A 106 -18.45 -7.17 13.24
CA ARG A 106 -18.90 -7.70 11.94
C ARG A 106 -17.91 -8.68 11.38
N VAL A 107 -16.60 -8.37 11.52
CA VAL A 107 -15.55 -9.30 11.13
C VAL A 107 -15.58 -10.62 11.94
N LYS A 108 -15.69 -10.54 13.28
CA LYS A 108 -15.85 -11.70 14.15
CA LYS A 108 -15.81 -11.73 14.11
C LYS A 108 -17.10 -12.51 13.76
N ALA A 109 -18.22 -11.83 13.61
CA ALA A 109 -19.49 -12.47 13.19
C ALA A 109 -19.39 -13.20 11.84
N ALA A 110 -18.55 -12.70 10.93
CA ALA A 110 -18.34 -13.34 9.64
C ALA A 110 -17.42 -14.55 9.77
N GLY A 111 -16.92 -14.85 10.98
CA GLY A 111 -16.16 -16.04 11.16
C GLY A 111 -14.64 -15.87 11.07
N PHE A 112 -14.14 -14.63 11.10
CA PHE A 112 -12.70 -14.37 11.04
C PHE A 112 -12.13 -13.99 12.38
N THR A 113 -10.86 -14.35 12.59
CA THR A 113 -10.04 -13.87 13.72
CA THR A 113 -10.11 -13.81 13.71
C THR A 113 -8.98 -12.90 13.17
N ILE A 114 -8.56 -11.88 13.96
CA ILE A 114 -7.59 -10.93 13.47
C ILE A 114 -6.20 -11.37 13.87
N GLN A 115 -5.30 -11.55 12.90
CA GLN A 115 -3.91 -11.89 13.23
C GLN A 115 -3.12 -10.71 13.74
N ASN A 116 -3.23 -9.58 13.02
CA ASN A 116 -2.47 -8.34 13.35
C ASN A 116 -2.86 -7.21 12.42
N VAL A 117 -2.50 -5.99 12.83
CA VAL A 117 -2.69 -4.77 12.07
CA VAL A 117 -2.65 -4.80 12.01
C VAL A 117 -1.35 -4.04 12.07
N ASP A 118 -0.98 -3.46 10.93
CA ASP A 118 0.17 -2.57 10.87
C ASP A 118 -0.32 -1.36 10.11
N SER A 119 0.28 -0.20 10.38
CA SER A 119 -0.22 1.04 9.76
C SER A 119 0.86 2.09 9.75
N THR A 120 0.64 3.15 8.94
CA THR A 120 1.53 4.29 8.94
C THR A 120 0.70 5.54 8.91
N VAL A 121 1.07 6.58 9.65
CA VAL A 121 0.39 7.87 9.49
C VAL A 121 1.43 8.82 8.89
N ILE A 122 1.07 9.56 7.84
CA ILE A 122 2.00 10.48 7.21
C ILE A 122 1.54 11.89 7.51
N ALA A 123 2.34 12.62 8.26
CA ALA A 123 2.00 13.97 8.65
C ALA A 123 3.27 14.77 8.79
N GLN A 124 3.30 15.97 8.23
CA GLN A 124 4.51 16.80 8.31
C GLN A 124 4.71 17.28 9.76
N ALA A 125 3.59 17.55 10.44
CA ALA A 125 3.58 18.04 11.81
C ALA A 125 2.20 17.80 12.35
N PRO A 126 2.06 17.70 13.68
CA PRO A 126 3.12 17.78 14.67
C PRO A 126 3.82 16.43 14.79
N LYS A 127 4.74 16.37 15.72
CA LYS A 127 5.46 15.15 16.05
C LYS A 127 4.47 14.07 16.57
N LEU A 128 4.51 12.86 16.00
CA LEU A 128 3.53 11.81 16.34
C LEU A 128 4.13 10.80 17.32
N ALA A 129 5.46 10.71 17.34
CA ALA A 129 6.15 9.73 18.17
C ALA A 129 5.65 9.57 19.61
N PRO A 130 5.51 10.68 20.38
CA PRO A 130 5.03 10.48 21.75
C PRO A 130 3.56 10.01 21.85
N HIS A 131 2.80 10.01 20.75
CA HIS A 131 1.41 9.56 20.88
C HIS A 131 1.11 8.17 20.33
N ILE A 132 2.12 7.53 19.76
CA ILE A 132 1.99 6.30 19.04
C ILE A 132 1.52 5.24 20.04
N ASP A 133 2.12 5.20 21.23
CA ASP A 133 1.70 4.13 22.20
C ASP A 133 0.23 4.22 22.61
N GLY A 134 -0.26 5.46 22.75
CA GLY A 134 -1.68 5.67 23.02
C GLY A 134 -2.62 5.18 21.87
N MET A 135 -2.24 5.47 20.62
CA MET A 135 -3.02 5.01 19.47
C MET A 135 -3.04 3.51 19.49
N ARG A 136 -1.88 2.91 19.72
CA ARG A 136 -1.80 1.42 19.72
C ARG A 136 -2.67 0.80 20.82
N ALA A 137 -2.63 1.41 22.00
CA ALA A 137 -3.54 0.96 23.05
C ALA A 137 -5.02 1.11 22.69
N ASN A 138 -5.44 2.23 22.10
CA ASN A 138 -6.86 2.40 21.69
C ASN A 138 -7.20 1.32 20.66
N ILE A 139 -6.33 1.14 19.64
CA ILE A 139 -6.61 0.16 18.55
C ILE A 139 -6.73 -1.27 19.12
N ALA A 140 -5.78 -1.63 19.97
CA ALA A 140 -5.70 -2.98 20.53
C ALA A 140 -6.98 -3.27 21.34
N ALA A 141 -7.39 -2.33 22.20
CA ALA A 141 -8.68 -2.46 22.93
C ALA A 141 -9.85 -2.61 21.98
N ASP A 142 -9.93 -1.75 20.97
CA ASP A 142 -11.10 -1.79 20.10
C ASP A 142 -11.21 -3.06 19.26
N LEU A 143 -10.08 -3.72 19.02
CA LEU A 143 -10.04 -4.93 18.15
C LEU A 143 -9.93 -6.16 19.01
N GLY A 144 -9.80 -5.98 20.33
CA GLY A 144 -9.71 -7.12 21.20
C GLY A 144 -8.41 -7.84 21.04
N LEU A 145 -7.35 -7.10 20.73
CA LEU A 145 -6.03 -7.71 20.52
C LEU A 145 -5.04 -7.33 21.61
N PRO A 146 -4.00 -8.19 21.81
CA PRO A 146 -2.92 -7.69 22.65
C PRO A 146 -2.15 -6.63 21.88
N LEU A 147 -1.41 -5.78 22.60
CA LEU A 147 -0.59 -4.77 21.99
C LEU A 147 0.45 -5.32 21.01
N GLU A 148 0.94 -6.52 21.28
CA GLU A 148 2.00 -7.14 20.42
CA GLU A 148 1.97 -7.15 20.46
C GLU A 148 1.46 -7.45 19.03
N ARG A 149 0.14 -7.39 18.80
CA ARG A 149 -0.43 -7.63 17.44
C ARG A 149 -0.86 -6.31 16.72
N VAL A 150 -0.48 -5.16 17.29
CA VAL A 150 -0.88 -3.86 16.71
C VAL A 150 0.34 -3.00 16.56
N ASN A 151 0.52 -2.43 15.36
CA ASN A 151 1.70 -1.59 15.14
C ASN A 151 1.26 -0.29 14.46
N VAL A 152 1.81 0.84 14.89
CA VAL A 152 1.51 2.13 14.14
C VAL A 152 2.84 2.81 13.90
N LYS A 153 3.10 3.35 12.71
CA LYS A 153 4.39 3.89 12.38
C LYS A 153 4.07 5.32 11.93
N ALA A 154 4.97 6.28 12.18
CA ALA A 154 4.76 7.68 11.75
C ALA A 154 5.82 8.11 10.73
N LYS A 155 5.43 8.88 9.73
CA LYS A 155 6.44 9.32 8.74
C LYS A 155 6.11 10.79 8.49
N THR A 156 7.06 11.55 7.97
CA THR A 156 6.72 12.82 7.29
C THR A 156 6.69 12.56 5.79
N ASN A 157 6.33 13.59 5.01
CA ASN A 157 6.44 13.46 3.56
C ASN A 157 7.59 14.25 2.97
N GLU A 158 8.61 14.52 3.80
CA GLU A 158 9.83 15.13 3.35
C GLU A 158 9.60 16.41 2.53
N LYS A 159 8.60 17.20 2.98
CA LYS A 159 8.14 18.48 2.41
CA LYS A 159 8.32 18.50 2.34
C LYS A 159 7.70 18.40 0.98
N LEU A 160 7.22 17.21 0.59
CA LEU A 160 6.65 17.12 -0.77
C LEU A 160 5.16 17.05 -0.76
N GLY A 161 4.52 17.71 -1.74
CA GLY A 161 3.11 17.61 -1.91
C GLY A 161 2.23 18.25 -0.83
N TYR A 162 0.93 18.10 -0.98
CA TYR A 162 -0.01 18.57 0.09
C TYR A 162 0.33 18.01 1.50
N LEU A 163 0.80 16.76 1.60
CA LEU A 163 1.20 16.24 2.92
C LEU A 163 2.44 17.01 3.43
N GLY A 164 3.41 17.23 2.55
CA GLY A 164 4.67 17.85 2.98
C GLY A 164 4.45 19.31 3.39
N ARG A 165 3.38 19.91 2.87
CA ARG A 165 2.98 21.28 3.22
C ARG A 165 1.95 21.38 4.36
N GLY A 166 1.55 20.27 4.98
CA GLY A 166 0.72 20.38 6.16
C GLY A 166 -0.71 20.63 5.84
N GLU A 167 -1.16 20.31 4.62
CA GLU A 167 -2.53 20.66 4.24
CA GLU A 167 -2.54 20.60 4.16
C GLU A 167 -3.47 19.49 4.56
N GLY A 168 -2.88 18.35 4.88
CA GLY A 168 -3.66 17.18 5.17
C GLY A 168 -2.81 16.09 5.77
N ILE A 169 -3.45 14.98 6.16
CA ILE A 169 -2.72 13.86 6.80
C ILE A 169 -3.23 12.55 6.20
N GLU A 170 -2.32 11.61 5.94
CA GLU A 170 -2.74 10.37 5.31
C GLU A 170 -2.51 9.25 6.31
N ALA A 171 -3.31 8.19 6.22
CA ALA A 171 -2.95 6.94 6.89
C ALA A 171 -3.08 5.78 5.94
N GLN A 172 -2.20 4.78 6.12
CA GLN A 172 -2.27 3.49 5.37
C GLN A 172 -2.35 2.35 6.42
N ALA A 173 -2.97 1.22 6.07
CA ALA A 173 -3.08 0.14 7.08
C ALA A 173 -3.08 -1.16 6.35
N ALA A 174 -2.71 -2.25 7.00
CA ALA A 174 -2.79 -3.59 6.39
C ALA A 174 -3.24 -4.45 7.54
N ALA A 175 -4.10 -5.39 7.26
CA ALA A 175 -4.59 -6.31 8.27
C ALA A 175 -4.56 -7.71 7.72
N LEU A 176 -4.42 -8.69 8.60
CA LEU A 176 -4.37 -10.09 8.19
C LEU A 176 -5.37 -10.84 9.06
N LEU A 177 -6.28 -11.60 8.41
CA LEU A 177 -7.34 -12.32 9.09
C LEU A 177 -7.14 -13.80 8.79
N VAL A 178 -7.71 -14.63 9.67
CA VAL A 178 -7.86 -16.08 9.40
C VAL A 178 -9.34 -16.43 9.51
N LYS A 179 -9.91 -17.06 8.47
CA LYS A 179 -11.31 -17.48 8.53
C LYS A 179 -11.45 -18.83 9.14
N GLN A 180 -12.34 -18.88 10.12
CA GLN A 180 -12.71 -20.07 10.91
C GLN A 180 -14.06 -20.62 10.42
N MET B 22 2.59 -23.86 5.80
CA MET B 22 1.87 -23.39 4.59
C MET B 22 2.68 -22.22 4.01
N ASP B 23 2.98 -22.22 2.71
CA ASP B 23 3.91 -21.24 2.18
C ASP B 23 3.16 -20.01 1.62
N VAL B 24 2.79 -19.13 2.55
CA VAL B 24 1.97 -17.95 2.20
CA VAL B 24 1.99 -17.91 2.25
C VAL B 24 2.88 -16.77 1.73
N ARG B 25 2.39 -15.96 0.76
CA ARG B 25 3.18 -14.89 0.16
C ARG B 25 2.29 -13.64 0.01
N ILE B 26 2.83 -12.46 0.29
CA ILE B 26 2.05 -11.22 0.12
C ILE B 26 2.49 -10.50 -1.16
N GLY B 27 1.56 -9.85 -1.86
CA GLY B 27 1.88 -8.95 -2.98
C GLY B 27 1.13 -7.62 -2.75
N GLN B 28 1.67 -6.54 -3.29
CA GLN B 28 1.02 -5.23 -3.26
C GLN B 28 1.15 -4.55 -4.63
N GLY B 29 0.19 -3.68 -4.95
CA GLY B 29 0.21 -3.03 -6.24
C GLY B 29 -0.26 -1.59 -6.11
N TYR B 30 0.22 -0.80 -7.08
CA TYR B 30 -0.11 0.64 -7.15
C TYR B 30 -0.21 1.01 -8.61
N ASP B 31 -1.18 1.84 -8.91
CA ASP B 31 -1.22 2.40 -10.28
C ASP B 31 -1.94 3.73 -10.21
N VAL B 32 -1.62 4.62 -11.15
CA VAL B 32 -2.34 5.87 -11.27
C VAL B 32 -2.29 6.30 -12.76
N HIS B 33 -3.42 6.84 -13.24
CA HIS B 33 -3.51 7.37 -14.61
C HIS B 33 -4.26 8.72 -14.62
N GLN B 34 -3.90 9.58 -15.57
CA GLN B 34 -4.58 10.90 -15.76
C GLN B 34 -5.95 10.67 -16.42
N LEU B 35 -6.90 11.54 -16.11
CA LEU B 35 -8.22 11.54 -16.71
C LEU B 35 -8.12 12.55 -17.86
N VAL B 36 -8.54 12.20 -19.08
CA VAL B 36 -8.48 13.10 -20.24
C VAL B 36 -9.76 12.97 -21.04
N GLU B 37 -10.10 14.04 -21.75
CA GLU B 37 -11.24 14.01 -22.69
C GLU B 37 -11.08 12.95 -23.74
N GLY B 38 -12.16 12.41 -24.27
CA GLY B 38 -11.99 11.53 -25.42
C GLY B 38 -11.53 10.06 -25.14
N ARG B 39 -11.51 9.59 -23.89
CA ARG B 39 -11.17 8.18 -23.62
CA ARG B 39 -11.22 8.17 -23.68
C ARG B 39 -12.33 7.61 -22.83
N PRO B 40 -12.68 6.32 -23.04
CA PRO B 40 -13.67 5.73 -22.12
C PRO B 40 -13.09 5.55 -20.68
N LEU B 41 -13.97 5.62 -19.70
CA LEU B 41 -13.57 5.36 -18.29
C LEU B 41 -13.84 3.87 -17.94
N ILE B 42 -12.79 3.05 -17.83
CA ILE B 42 -12.97 1.61 -17.59
C ILE B 42 -12.13 1.32 -16.36
N ILE B 43 -12.81 0.86 -15.33
CA ILE B 43 -12.16 0.64 -14.05
C ILE B 43 -12.67 -0.71 -13.57
N GLY B 44 -11.75 -1.63 -13.25
CA GLY B 44 -12.22 -2.96 -12.83
C GLY B 44 -12.96 -3.65 -13.97
N GLY B 45 -12.64 -3.29 -15.21
CA GLY B 45 -13.39 -3.86 -16.36
C GLY B 45 -14.76 -3.28 -16.58
N VAL B 46 -15.18 -2.36 -15.69
CA VAL B 46 -16.48 -1.70 -15.86
C VAL B 46 -16.38 -0.39 -16.64
N THR B 47 -17.17 -0.28 -17.72
CA THR B 47 -17.26 1.03 -18.41
C THR B 47 -18.17 1.91 -17.60
N ILE B 48 -17.66 3.04 -17.08
CA ILE B 48 -18.46 3.93 -16.27
C ILE B 48 -18.76 5.18 -17.13
N PRO B 49 -20.06 5.62 -17.20
CA PRO B 49 -20.36 6.84 -18.02
C PRO B 49 -19.68 8.04 -17.39
N TYR B 50 -18.95 8.83 -18.17
CA TYR B 50 -18.22 9.95 -17.67
C TYR B 50 -17.66 10.65 -18.88
N GLU B 51 -17.51 11.96 -18.81
CA GLU B 51 -16.98 12.85 -19.86
CA GLU B 51 -17.01 12.70 -19.97
C GLU B 51 -15.48 12.67 -20.14
N ARG B 52 -14.76 11.98 -19.22
CA ARG B 52 -13.32 11.74 -19.40
C ARG B 52 -13.03 10.26 -19.16
N GLY B 53 -11.82 9.79 -19.55
CA GLY B 53 -11.43 8.38 -19.33
C GLY B 53 -9.95 8.43 -18.98
N LEU B 54 -9.42 7.28 -18.61
CA LEU B 54 -8.05 7.22 -18.15
C LEU B 54 -7.09 7.07 -19.35
N LEU B 55 -6.00 7.80 -19.29
CA LEU B 55 -5.01 7.78 -20.38
C LEU B 55 -3.88 6.81 -20.06
N GLY B 56 -3.59 5.90 -21.00
CA GLY B 56 -2.34 5.09 -20.87
C GLY B 56 -2.13 4.34 -22.18
N HIS B 57 -1.21 3.41 -22.17
CA HIS B 57 -0.89 2.67 -23.38
C HIS B 57 -1.99 1.70 -23.68
N SER B 58 -2.35 0.85 -22.70
CA SER B 58 -3.50 -0.04 -22.78
C SER B 58 -4.80 0.76 -22.57
N ASP B 59 -5.91 0.10 -22.27
CA ASP B 59 -7.10 0.86 -21.88
C ASP B 59 -6.92 1.62 -20.54
N ALA B 60 -5.75 1.51 -19.88
CA ALA B 60 -5.44 2.30 -18.63
C ALA B 60 -6.37 1.95 -17.46
N ASP B 61 -6.88 0.72 -17.42
CA ASP B 61 -7.70 0.28 -16.29
C ASP B 61 -6.84 0.20 -14.99
N VAL B 62 -6.86 1.30 -14.24
CA VAL B 62 -5.93 1.47 -13.10
C VAL B 62 -6.08 0.33 -12.05
N LEU B 63 -7.31 -0.13 -11.84
CA LEU B 63 -7.58 -1.11 -10.79
C LEU B 63 -7.10 -2.48 -11.24
N LEU B 64 -7.32 -2.87 -12.49
CA LEU B 64 -6.84 -4.19 -12.92
C LEU B 64 -5.34 -4.17 -12.94
N HIS B 65 -4.73 -3.03 -13.29
CA HIS B 65 -3.27 -2.98 -13.35
C HIS B 65 -2.70 -3.15 -11.92
N ALA B 66 -3.30 -2.48 -10.93
CA ALA B 66 -2.75 -2.58 -9.59
C ALA B 66 -2.91 -4.01 -9.06
N ILE B 67 -4.01 -4.68 -9.37
CA ILE B 67 -4.18 -6.10 -8.91
C ILE B 67 -3.18 -7.03 -9.66
N THR B 68 -3.01 -6.78 -10.96
CA THR B 68 -2.06 -7.55 -11.77
C THR B 68 -0.63 -7.42 -11.15
N ASP B 69 -0.23 -6.21 -10.77
CA ASP B 69 1.05 -6.02 -10.13
C ASP B 69 1.13 -6.76 -8.74
N ALA B 70 0.07 -6.67 -7.91
CA ALA B 70 0.04 -7.39 -6.61
C ALA B 70 0.19 -8.93 -6.78
N LEU B 71 -0.44 -9.47 -7.82
CA LEU B 71 -0.38 -10.90 -8.17
C LEU B 71 1.02 -11.29 -8.65
N PHE B 72 1.58 -10.56 -9.61
CA PHE B 72 2.95 -10.86 -10.03
C PHE B 72 3.91 -10.66 -8.82
N GLY B 73 3.64 -9.63 -8.01
CA GLY B 73 4.62 -9.30 -6.95
C GLY B 73 4.61 -10.40 -5.90
N ALA B 74 3.41 -10.89 -5.48
CA ALA B 74 3.33 -12.01 -4.47
C ALA B 74 4.01 -13.32 -5.01
N ALA B 75 3.92 -13.55 -6.33
CA ALA B 75 4.53 -14.74 -6.93
C ALA B 75 6.03 -14.53 -7.28
N ALA B 76 6.54 -13.32 -7.01
CA ALA B 76 7.91 -12.90 -7.38
C ALA B 76 8.20 -13.07 -8.89
N LEU B 77 7.19 -12.70 -9.65
CA LEU B 77 7.27 -12.77 -11.11
C LEU B 77 7.44 -11.37 -11.70
N GLY B 78 7.94 -10.42 -10.89
CA GLY B 78 8.37 -9.15 -11.48
C GLY B 78 7.16 -8.22 -11.47
N ASP B 79 6.79 -7.65 -12.60
CA ASP B 79 5.71 -6.69 -12.62
C ASP B 79 4.99 -6.66 -13.97
N ILE B 80 3.97 -5.83 -14.11
CA ILE B 80 3.18 -5.89 -15.33
C ILE B 80 4.04 -5.57 -16.58
N GLY B 81 4.96 -4.56 -16.44
CA GLY B 81 5.79 -4.10 -17.56
C GLY B 81 6.77 -5.14 -18.03
N ARG B 82 7.20 -6.03 -17.14
CA ARG B 82 8.04 -7.17 -17.54
CA ARG B 82 8.05 -7.15 -17.53
C ARG B 82 7.29 -8.18 -18.39
N HIS B 83 6.00 -8.31 -18.21
CA HIS B 83 5.28 -9.28 -19.00
C HIS B 83 4.60 -8.71 -20.23
N PHE B 84 4.12 -7.48 -20.14
CA PHE B 84 3.30 -6.90 -21.21
C PHE B 84 3.91 -5.52 -21.45
N SER B 85 4.77 -5.39 -22.45
CA SER B 85 5.57 -4.17 -22.57
C SER B 85 4.68 -2.98 -22.85
N ASP B 86 4.98 -1.89 -22.20
CA ASP B 86 4.15 -0.71 -22.41
C ASP B 86 4.51 0.08 -23.66
N THR B 87 5.49 -0.39 -24.41
CA THR B 87 5.75 0.20 -25.75
C THR B 87 5.52 -0.80 -26.91
N ASP B 88 5.37 -2.10 -26.61
CA ASP B 88 4.99 -3.10 -27.62
C ASP B 88 3.58 -2.77 -28.16
N ALA B 89 3.48 -2.63 -29.51
CA ALA B 89 2.20 -2.45 -30.23
C ALA B 89 1.11 -3.46 -29.84
N ALA B 90 1.53 -4.63 -29.41
CA ALA B 90 0.56 -5.69 -29.11
C ALA B 90 -0.39 -5.17 -28.04
N PHE B 91 0.07 -4.24 -27.18
CA PHE B 91 -0.79 -3.89 -25.99
C PHE B 91 -1.36 -2.49 -26.08
N LYS B 92 -1.17 -1.88 -27.24
CA LYS B 92 -1.80 -0.58 -27.45
C LYS B 92 -3.32 -0.67 -27.45
N GLY B 93 -4.00 0.06 -26.56
CA GLY B 93 -5.48 -0.12 -26.42
C GLY B 93 -5.89 -1.45 -25.78
N ALA B 94 -4.97 -2.23 -25.23
CA ALA B 94 -5.33 -3.57 -24.74
C ALA B 94 -6.45 -3.57 -23.70
N ASP B 95 -7.37 -4.50 -23.87
CA ASP B 95 -8.35 -4.84 -22.81
C ASP B 95 -7.53 -5.42 -21.63
N SER B 96 -7.48 -4.65 -20.53
CA SER B 96 -6.72 -5.06 -19.34
C SER B 96 -7.24 -6.32 -18.66
N ARG B 97 -8.49 -6.76 -18.92
CA ARG B 97 -8.93 -8.08 -18.41
C ARG B 97 -8.17 -9.22 -19.03
N VAL B 98 -7.77 -9.04 -20.29
CA VAL B 98 -7.00 -10.12 -20.97
C VAL B 98 -5.65 -10.24 -20.25
N LEU B 99 -5.05 -9.12 -19.84
CA LEU B 99 -3.70 -9.14 -19.16
C LEU B 99 -3.88 -9.68 -17.79
N LEU B 100 -4.99 -9.30 -17.14
CA LEU B 100 -5.25 -9.86 -15.78
C LEU B 100 -5.38 -11.39 -15.84
N ARG B 101 -6.18 -11.88 -16.80
CA ARG B 101 -6.36 -13.36 -16.93
C ARG B 101 -5.00 -14.03 -17.27
N ALA B 102 -4.19 -13.39 -18.12
CA ALA B 102 -2.87 -14.02 -18.45
C ALA B 102 -1.97 -14.02 -17.20
N CYS B 103 -2.04 -12.93 -16.42
CA CYS B 103 -1.29 -12.86 -15.15
C CYS B 103 -1.68 -13.99 -14.19
N ALA B 104 -2.98 -14.13 -13.97
CA ALA B 104 -3.48 -15.17 -13.07
C ALA B 104 -3.01 -16.56 -13.53
N GLU B 105 -3.01 -16.83 -14.84
CA GLU B 105 -2.58 -18.15 -15.36
C GLU B 105 -1.07 -18.33 -15.04
N ARG B 106 -0.24 -17.31 -15.25
CA ARG B 106 1.21 -17.42 -14.90
C ARG B 106 1.43 -17.68 -13.42
N VAL B 107 0.69 -16.95 -12.58
CA VAL B 107 0.78 -17.11 -11.14
C VAL B 107 0.41 -18.56 -10.72
N LYS B 108 -0.70 -19.09 -11.25
CA LYS B 108 -1.10 -20.47 -10.97
C LYS B 108 -0.05 -21.44 -11.52
N ALA B 109 0.44 -21.18 -12.72
CA ALA B 109 1.44 -22.05 -13.35
C ALA B 109 2.77 -22.10 -12.56
N ALA B 110 3.13 -21.01 -11.89
CA ALA B 110 4.28 -20.94 -11.01
C ALA B 110 4.04 -21.73 -9.71
N GLY B 111 2.85 -22.31 -9.53
CA GLY B 111 2.60 -23.14 -8.33
C GLY B 111 1.77 -22.52 -7.19
N PHE B 112 1.15 -21.36 -7.45
CA PHE B 112 0.42 -20.62 -6.36
C PHE B 112 -1.10 -20.72 -6.51
N THR B 113 -1.78 -20.79 -5.39
CA THR B 113 -3.23 -20.53 -5.40
CA THR B 113 -3.21 -20.54 -5.40
C THR B 113 -3.48 -19.15 -4.80
N ILE B 114 -4.50 -18.46 -5.26
CA ILE B 114 -4.84 -17.10 -4.71
C ILE B 114 -5.77 -17.22 -3.54
N GLN B 115 -5.34 -16.71 -2.37
CA GLN B 115 -6.20 -16.72 -1.20
C GLN B 115 -7.31 -15.65 -1.32
N ASN B 116 -6.91 -14.43 -1.71
CA ASN B 116 -7.85 -13.35 -1.86
C ASN B 116 -7.14 -12.12 -2.42
N VAL B 117 -7.95 -11.18 -2.86
CA VAL B 117 -7.49 -9.87 -3.31
C VAL B 117 -8.34 -8.80 -2.61
N ASP B 118 -7.66 -7.73 -2.16
CA ASP B 118 -8.39 -6.54 -1.67
C ASP B 118 -7.83 -5.36 -2.42
N SER B 119 -8.57 -4.27 -2.52
CA SER B 119 -8.13 -3.15 -3.36
C SER B 119 -8.90 -1.87 -2.99
N THR B 120 -8.35 -0.70 -3.38
CA THR B 120 -9.05 0.56 -3.21
C THR B 120 -8.86 1.35 -4.47
N VAL B 121 -9.96 2.01 -4.93
CA VAL B 121 -9.83 3.02 -5.99
CA VAL B 121 -9.83 3.02 -5.96
C VAL B 121 -10.13 4.41 -5.41
N ILE B 122 -9.30 5.39 -5.78
CA ILE B 122 -9.43 6.74 -5.22
C ILE B 122 -9.67 7.69 -6.39
N ALA B 123 -10.82 8.34 -6.36
CA ALA B 123 -11.22 9.30 -7.39
C ALA B 123 -12.12 10.35 -6.76
N GLN B 124 -11.97 11.62 -7.16
CA GLN B 124 -12.88 12.61 -6.63
C GLN B 124 -14.21 12.45 -7.39
N ALA B 125 -14.15 12.01 -8.64
CA ALA B 125 -15.35 11.83 -9.48
C ALA B 125 -14.98 10.94 -10.66
N PRO B 126 -15.96 10.28 -11.26
CA PRO B 126 -17.38 10.15 -10.88
C PRO B 126 -17.52 9.28 -9.62
N LYS B 127 -18.72 9.12 -9.06
CA LYS B 127 -18.89 8.29 -7.87
C LYS B 127 -18.54 6.83 -8.25
N LEU B 128 -17.67 6.19 -7.46
CA LEU B 128 -17.28 4.80 -7.80
C LEU B 128 -17.97 3.79 -6.96
N ALA B 129 -18.43 4.18 -5.78
CA ALA B 129 -19.12 3.25 -4.91
C ALA B 129 -20.25 2.41 -5.59
N PRO B 130 -21.07 3.02 -6.45
CA PRO B 130 -22.18 2.26 -7.08
C PRO B 130 -21.65 1.24 -8.07
N HIS B 131 -20.36 1.29 -8.39
CA HIS B 131 -19.81 0.35 -9.40
C HIS B 131 -18.92 -0.75 -8.87
N ILE B 132 -18.60 -0.69 -7.60
CA ILE B 132 -17.76 -1.68 -6.91
C ILE B 132 -18.21 -3.13 -7.19
N ASP B 133 -19.52 -3.37 -7.09
CA ASP B 133 -19.95 -4.77 -7.23
C ASP B 133 -19.76 -5.28 -8.64
N GLY B 134 -19.96 -4.41 -9.63
CA GLY B 134 -19.59 -4.84 -11.00
C GLY B 134 -18.10 -5.15 -11.19
N MET B 135 -17.24 -4.34 -10.57
CA MET B 135 -15.80 -4.60 -10.64
C MET B 135 -15.47 -5.91 -9.94
N ARG B 136 -15.98 -6.15 -8.72
CA ARG B 136 -15.71 -7.43 -8.03
C ARG B 136 -16.07 -8.64 -8.90
N ALA B 137 -17.27 -8.57 -9.53
CA ALA B 137 -17.76 -9.67 -10.38
C ALA B 137 -16.74 -10.00 -11.51
N ASN B 138 -16.28 -8.97 -12.20
CA ASN B 138 -15.28 -9.16 -13.29
C ASN B 138 -13.98 -9.74 -12.78
N ILE B 139 -13.50 -9.17 -11.68
CA ILE B 139 -12.21 -9.63 -11.15
C ILE B 139 -12.34 -11.05 -10.65
N ALA B 140 -13.42 -11.35 -9.95
CA ALA B 140 -13.59 -12.71 -9.49
C ALA B 140 -13.61 -13.70 -10.69
N ALA B 141 -14.37 -13.36 -11.73
CA ALA B 141 -14.51 -14.21 -12.92
C ALA B 141 -13.09 -14.38 -13.50
N ASP B 142 -12.35 -13.29 -13.60
CA ASP B 142 -11.05 -13.35 -14.27
C ASP B 142 -10.06 -14.18 -13.46
N LEU B 143 -10.16 -14.17 -12.12
CA LEU B 143 -9.21 -14.83 -11.31
C LEU B 143 -9.66 -16.26 -11.00
N GLY B 144 -10.88 -16.63 -11.41
CA GLY B 144 -11.45 -17.98 -11.09
C GLY B 144 -11.68 -18.09 -9.61
N LEU B 145 -12.14 -17.01 -8.97
CA LEU B 145 -12.32 -17.01 -7.52
C LEU B 145 -13.78 -16.83 -7.20
N PRO B 146 -14.24 -17.30 -6.03
CA PRO B 146 -15.62 -16.88 -5.67
C PRO B 146 -15.61 -15.42 -5.28
N LEU B 147 -16.77 -14.77 -5.32
CA LEU B 147 -16.89 -13.36 -4.88
C LEU B 147 -16.38 -13.10 -3.45
N GLU B 148 -16.53 -14.07 -2.54
CA GLU B 148 -16.19 -13.83 -1.15
C GLU B 148 -14.63 -13.73 -0.98
N ARG B 149 -13.85 -13.94 -2.04
CA ARG B 149 -12.42 -13.78 -1.93
C ARG B 149 -11.93 -12.53 -2.69
N VAL B 150 -12.86 -11.69 -3.15
CA VAL B 150 -12.46 -10.51 -3.94
C VAL B 150 -13.13 -9.26 -3.31
N ASN B 151 -12.34 -8.22 -3.04
CA ASN B 151 -12.90 -6.99 -2.47
C ASN B 151 -12.39 -5.74 -3.16
N VAL B 152 -13.27 -4.76 -3.36
CA VAL B 152 -12.87 -3.49 -3.96
C VAL B 152 -13.51 -2.38 -3.11
N LYS B 153 -12.77 -1.35 -2.78
CA LYS B 153 -13.28 -0.31 -1.86
C LYS B 153 -13.11 0.96 -2.63
N ALA B 154 -13.98 1.93 -2.36
CA ALA B 154 -13.90 3.21 -3.07
C ALA B 154 -13.64 4.35 -2.12
N LYS B 155 -12.84 5.33 -2.53
CA LYS B 155 -12.54 6.49 -1.66
C LYS B 155 -12.46 7.71 -2.52
N THR B 156 -12.55 8.90 -1.93
CA THR B 156 -12.20 10.16 -2.62
C THR B 156 -10.88 10.60 -2.00
N ASN B 157 -10.27 11.64 -2.53
CA ASN B 157 -9.10 12.17 -1.89
C ASN B 157 -9.37 13.50 -1.10
N GLU B 158 -10.63 13.67 -0.69
CA GLU B 158 -11.00 14.84 0.16
C GLU B 158 -10.47 16.14 -0.41
N LYS B 159 -10.58 16.27 -1.75
CA LYS B 159 -10.22 17.46 -2.50
CA LYS B 159 -10.24 17.53 -2.42
C LYS B 159 -8.75 17.81 -2.33
N LEU B 160 -7.95 16.85 -1.86
CA LEU B 160 -6.46 17.10 -1.83
C LEU B 160 -5.68 16.62 -3.06
N GLY B 161 -4.74 17.44 -3.51
CA GLY B 161 -3.80 17.07 -4.62
C GLY B 161 -4.44 16.74 -5.98
N TYR B 162 -3.66 16.17 -6.91
CA TYR B 162 -4.21 15.93 -8.25
C TYR B 162 -5.41 15.03 -8.19
N LEU B 163 -5.44 14.06 -7.27
CA LEU B 163 -6.60 13.19 -7.19
C LEU B 163 -7.77 13.96 -6.63
N GLY B 164 -7.50 14.81 -5.63
CA GLY B 164 -8.62 15.59 -5.11
C GLY B 164 -9.19 16.57 -6.12
N ARG B 165 -8.37 17.08 -7.07
CA ARG B 165 -8.87 17.99 -8.11
C ARG B 165 -9.39 17.28 -9.38
N GLY B 166 -9.48 15.94 -9.38
CA GLY B 166 -10.15 15.22 -10.47
C GLY B 166 -9.22 15.06 -11.66
N GLU B 167 -7.92 15.14 -11.42
CA GLU B 167 -7.01 15.02 -12.57
C GLU B 167 -6.56 13.59 -12.94
N GLY B 168 -6.79 12.67 -12.02
CA GLY B 168 -6.46 11.25 -12.29
C GLY B 168 -7.12 10.40 -11.22
N ILE B 169 -6.89 9.09 -11.30
CA ILE B 169 -7.53 8.13 -10.42
C ILE B 169 -6.42 7.16 -10.05
N GLU B 170 -6.33 6.84 -8.75
CA GLU B 170 -5.27 5.93 -8.26
C GLU B 170 -5.96 4.61 -7.85
N ALA B 171 -5.26 3.52 -8.00
CA ALA B 171 -5.71 2.23 -7.37
C ALA B 171 -4.57 1.58 -6.59
N GLN B 172 -4.95 0.91 -5.53
CA GLN B 172 -4.07 0.18 -4.66
C GLN B 172 -4.63 -1.24 -4.56
N ALA B 173 -3.75 -2.25 -4.51
CA ALA B 173 -4.19 -3.62 -4.32
C ALA B 173 -3.28 -4.44 -3.39
N ALA B 174 -3.82 -5.53 -2.80
CA ALA B 174 -3.05 -6.44 -2.01
C ALA B 174 -3.55 -7.83 -2.40
N ALA B 175 -2.61 -8.77 -2.50
CA ALA B 175 -3.00 -10.13 -2.92
C ALA B 175 -2.29 -11.06 -2.00
N LEU B 176 -2.91 -12.17 -1.64
CA LEU B 176 -2.28 -13.14 -0.79
C LEU B 176 -2.30 -14.49 -1.54
N LEU B 177 -1.14 -15.13 -1.65
CA LEU B 177 -1.03 -16.41 -2.36
C LEU B 177 -0.58 -17.46 -1.38
N VAL B 178 -0.83 -18.70 -1.76
CA VAL B 178 -0.14 -19.83 -1.06
C VAL B 178 0.54 -20.72 -2.13
N LYS B 179 1.83 -20.96 -1.92
CA LYS B 179 2.61 -21.85 -2.82
C LYS B 179 2.42 -23.31 -2.46
N GLN B 180 1.88 -24.03 -3.43
CA GLN B 180 1.63 -25.47 -3.41
C GLN B 180 2.86 -26.26 -3.82
N MET C 22 -0.40 -21.54 12.47
CA MET C 22 0.82 -20.80 11.99
C MET C 22 0.54 -19.34 12.32
N ASP C 23 1.45 -18.69 13.04
CA ASP C 23 1.15 -17.33 13.50
C ASP C 23 1.72 -16.34 12.44
N VAL C 24 0.97 -16.08 11.38
CA VAL C 24 1.43 -15.19 10.25
C VAL C 24 1.06 -13.73 10.55
N ARG C 25 1.91 -12.78 10.11
CA ARG C 25 1.76 -11.33 10.40
C ARG C 25 2.09 -10.57 9.12
N ILE C 26 1.35 -9.47 8.89
CA ILE C 26 1.57 -8.60 7.76
C ILE C 26 2.23 -7.30 8.21
N GLY C 27 3.09 -6.74 7.34
CA GLY C 27 3.70 -5.43 7.62
C GLY C 27 3.64 -4.63 6.31
N GLN C 28 3.61 -3.30 6.42
CA GLN C 28 3.57 -2.46 5.20
C GLN C 28 4.45 -1.25 5.47
N GLY C 29 5.10 -0.71 4.42
CA GLY C 29 6.05 0.37 4.63
C GLY C 29 5.89 1.38 3.48
N TYR C 30 6.22 2.63 3.78
CA TYR C 30 6.08 3.77 2.82
C TYR C 30 7.29 4.65 3.04
N ASP C 31 7.87 5.16 1.97
CA ASP C 31 8.92 6.19 2.19
C ASP C 31 8.94 7.11 0.96
N VAL C 32 9.34 8.37 1.13
CA VAL C 32 9.49 9.27 -0.05
C VAL C 32 10.68 10.18 0.24
N HIS C 33 11.52 10.47 -0.75
CA HIS C 33 12.57 11.47 -0.57
C HIS C 33 12.60 12.37 -1.80
N GLN C 34 13.04 13.60 -1.61
CA GLN C 34 13.24 14.55 -2.69
C GLN C 34 14.50 14.20 -3.46
N LEU C 35 14.47 14.47 -4.77
CA LEU C 35 15.61 14.35 -5.70
C LEU C 35 16.35 15.70 -5.72
N VAL C 36 17.66 15.69 -5.51
CA VAL C 36 18.44 16.92 -5.50
C VAL C 36 19.79 16.70 -6.25
N GLU C 37 20.38 17.76 -6.78
CA GLU C 37 21.75 17.62 -7.31
C GLU C 37 22.79 17.36 -6.23
N GLY C 38 23.89 16.70 -6.65
CA GLY C 38 25.05 16.47 -5.80
C GLY C 38 24.93 15.35 -4.79
N ARG C 39 24.00 14.41 -5.03
CA ARG C 39 23.74 13.23 -4.20
CA ARG C 39 23.96 13.22 -4.22
C ARG C 39 23.75 12.05 -5.16
N PRO C 40 24.33 10.90 -4.79
CA PRO C 40 24.04 9.75 -5.65
C PRO C 40 22.58 9.20 -5.50
N LEU C 41 22.07 8.54 -6.57
CA LEU C 41 20.76 7.96 -6.54
C LEU C 41 20.97 6.49 -6.11
N ILE C 42 20.55 6.16 -4.90
CA ILE C 42 20.86 4.77 -4.38
C ILE C 42 19.49 4.22 -4.04
N ILE C 43 19.08 3.15 -4.70
CA ILE C 43 17.75 2.56 -4.45
C ILE C 43 17.94 1.03 -4.41
N GLY C 44 17.48 0.36 -3.33
CA GLY C 44 17.62 -1.08 -3.19
C GLY C 44 19.10 -1.40 -3.10
N GLY C 45 19.88 -0.48 -2.51
CA GLY C 45 21.36 -0.59 -2.47
C GLY C 45 22.11 -0.47 -3.82
N VAL C 46 21.40 -0.27 -4.93
CA VAL C 46 22.00 -0.14 -6.27
C VAL C 46 22.32 1.36 -6.54
N THR C 47 23.55 1.66 -6.92
CA THR C 47 23.88 3.01 -7.38
C THR C 47 23.46 3.16 -8.80
N ILE C 48 22.51 4.04 -9.06
CA ILE C 48 21.94 4.21 -10.36
C ILE C 48 22.52 5.53 -10.96
N PRO C 49 23.20 5.44 -12.11
CA PRO C 49 23.66 6.74 -12.68
C PRO C 49 22.54 7.69 -13.07
N TYR C 50 22.68 8.93 -12.66
CA TYR C 50 21.64 9.89 -12.77
C TYR C 50 22.14 11.25 -12.32
N GLU C 51 21.62 12.32 -12.93
CA GLU C 51 22.08 13.71 -12.62
C GLU C 51 21.73 14.13 -11.18
N ARG C 52 20.77 13.47 -10.54
CA ARG C 52 20.35 13.81 -9.18
C ARG C 52 20.30 12.59 -8.27
N GLY C 53 20.13 12.81 -6.97
CA GLY C 53 20.07 11.68 -6.04
C GLY C 53 19.07 12.03 -4.96
N LEU C 54 18.85 11.10 -4.02
CA LEU C 54 17.83 11.29 -3.03
C LEU C 54 18.40 11.97 -1.78
N LEU C 55 17.66 12.95 -1.27
CA LEU C 55 18.08 13.78 -0.16
C LEU C 55 17.63 13.11 1.17
N GLY C 56 18.54 12.93 2.13
CA GLY C 56 18.08 12.59 3.48
C GLY C 56 19.27 12.72 4.41
N HIS C 57 19.13 12.41 5.69
CA HIS C 57 20.33 12.32 6.52
C HIS C 57 21.09 11.01 6.32
N SER C 58 20.40 9.96 5.95
CA SER C 58 21.10 8.75 5.52
C SER C 58 21.37 8.80 3.98
N ASP C 59 21.64 7.66 3.36
CA ASP C 59 21.81 7.63 1.92
C ASP C 59 20.43 7.78 1.21
N ALA C 60 19.35 7.86 2.00
CA ALA C 60 17.96 8.14 1.53
C ALA C 60 17.52 7.04 0.54
N ASP C 61 17.91 5.82 0.81
CA ASP C 61 17.45 4.69 -0.02
C ASP C 61 15.99 4.39 0.33
N VAL C 62 15.13 4.96 -0.45
CA VAL C 62 13.68 5.00 -0.21
C VAL C 62 13.14 3.53 -0.16
N LEU C 63 13.68 2.67 -1.04
CA LEU C 63 13.16 1.29 -1.08
C LEU C 63 13.58 0.47 0.14
N LEU C 64 14.87 0.55 0.52
CA LEU C 64 15.32 -0.19 1.70
C LEU C 64 14.60 0.34 2.95
N HIS C 65 14.34 1.63 3.03
CA HIS C 65 13.57 2.18 4.16
C HIS C 65 12.16 1.66 4.23
N ALA C 66 11.45 1.62 3.09
CA ALA C 66 10.06 1.14 3.14
C ALA C 66 10.11 -0.35 3.54
N ILE C 67 11.06 -1.13 3.01
CA ILE C 67 11.05 -2.55 3.34
C ILE C 67 11.36 -2.72 4.83
N THR C 68 12.37 -1.98 5.33
CA THR C 68 12.69 -2.03 6.73
C THR C 68 11.47 -1.73 7.61
N ASP C 69 10.73 -0.69 7.28
CA ASP C 69 9.52 -0.34 8.03
C ASP C 69 8.44 -1.45 7.93
N ALA C 70 8.23 -2.07 6.74
CA ALA C 70 7.29 -3.18 6.60
C ALA C 70 7.72 -4.31 7.50
N LEU C 71 9.03 -4.61 7.55
CA LEU C 71 9.51 -5.72 8.41
C LEU C 71 9.32 -5.43 9.93
N PHE C 72 9.73 -4.25 10.42
CA PHE C 72 9.42 -3.88 11.84
C PHE C 72 7.90 -3.84 12.14
N GLY C 73 7.14 -3.36 11.17
CA GLY C 73 5.70 -3.24 11.28
C GLY C 73 5.05 -4.62 11.47
N ALA C 74 5.38 -5.60 10.64
CA ALA C 74 4.89 -7.00 10.84
C ALA C 74 5.34 -7.61 12.16
N ALA C 75 6.53 -7.26 12.64
CA ALA C 75 6.97 -7.84 13.90
C ALA C 75 6.47 -7.04 15.14
N ALA C 76 5.74 -5.96 14.90
CA ALA C 76 5.25 -5.02 15.90
C ALA C 76 6.42 -4.46 16.72
N LEU C 77 7.51 -4.12 16.02
CA LEU C 77 8.71 -3.53 16.66
C LEU C 77 8.83 -2.02 16.27
N GLY C 78 7.73 -1.44 15.85
CA GLY C 78 7.72 0.02 15.73
C GLY C 78 8.07 0.41 14.30
N ASP C 79 9.11 1.19 14.15
CA ASP C 79 9.56 1.71 12.85
C ASP C 79 11.03 2.16 12.92
N ILE C 80 11.56 2.53 11.75
CA ILE C 80 12.95 2.93 11.59
C ILE C 80 13.28 4.12 12.54
N GLY C 81 12.43 5.15 12.50
CA GLY C 81 12.45 6.26 13.51
C GLY C 81 12.61 5.81 14.97
N ARG C 82 11.78 4.86 15.42
CA ARG C 82 11.83 4.37 16.79
CA ARG C 82 11.84 4.40 16.80
C ARG C 82 13.11 3.60 17.06
N HIS C 83 13.82 3.27 15.99
CA HIS C 83 15.09 2.61 16.16
C HIS C 83 16.24 3.55 16.00
N PHE C 91 21.42 1.94 14.15
CA PHE C 91 20.39 2.57 13.33
C PHE C 91 20.66 4.03 13.05
N LYS C 92 21.79 4.53 13.54
CA LYS C 92 22.16 5.93 13.24
C LYS C 92 22.93 6.08 11.93
N GLY C 93 23.43 4.95 11.40
CA GLY C 93 24.21 5.00 10.17
C GLY C 93 23.51 5.44 8.91
N ALA C 94 24.29 5.96 7.95
CA ALA C 94 23.75 6.36 6.64
C ALA C 94 23.53 5.21 5.64
N ASP C 95 24.24 4.08 5.84
CA ASP C 95 24.18 3.01 4.83
C ASP C 95 22.92 2.18 5.11
N SER C 96 21.94 2.23 4.20
CA SER C 96 20.63 1.61 4.54
C SER C 96 20.66 0.09 4.39
N ARG C 97 21.72 -0.44 3.78
CA ARG C 97 21.84 -1.91 3.78
C ARG C 97 22.29 -2.42 5.16
N VAL C 98 23.14 -1.66 5.83
CA VAL C 98 23.52 -2.02 7.20
C VAL C 98 22.25 -1.99 8.08
N LEU C 99 21.40 -0.98 7.91
CA LEU C 99 20.16 -0.87 8.67
C LEU C 99 19.20 -2.01 8.34
N LEU C 100 19.13 -2.40 7.05
CA LEU C 100 18.24 -3.48 6.66
C LEU C 100 18.70 -4.80 7.33
N ARG C 101 19.99 -5.08 7.23
CA ARG C 101 20.51 -6.25 7.96
C ARG C 101 20.25 -6.24 9.49
N ALA C 102 20.44 -5.10 10.15
CA ALA C 102 20.20 -5.00 11.66
C ALA C 102 18.70 -5.22 11.90
N CYS C 103 17.88 -4.63 11.03
CA CYS C 103 16.40 -4.93 11.01
C CYS C 103 16.13 -6.43 10.99
N ALA C 104 16.69 -7.13 10.02
CA ALA C 104 16.54 -8.59 9.95
C ALA C 104 16.96 -9.34 11.24
N GLU C 105 18.08 -8.95 11.81
CA GLU C 105 18.54 -9.50 13.09
C GLU C 105 17.51 -9.21 14.21
N ARG C 106 17.00 -7.99 14.34
CA ARG C 106 15.96 -7.73 15.35
C ARG C 106 14.73 -8.55 15.14
N VAL C 107 14.32 -8.70 13.87
CA VAL C 107 13.15 -9.49 13.51
C VAL C 107 13.34 -10.97 13.92
N LYS C 108 14.49 -11.51 13.56
CA LYS C 108 14.88 -12.87 13.92
CA LYS C 108 14.77 -12.89 13.92
C LYS C 108 14.89 -13.09 15.45
N ALA C 109 15.53 -12.16 16.16
CA ALA C 109 15.65 -12.18 17.61
C ALA C 109 14.29 -12.13 18.28
N ALA C 110 13.33 -11.39 17.66
CA ALA C 110 11.96 -11.33 18.17
C ALA C 110 11.19 -12.62 17.94
N GLY C 111 11.79 -13.60 17.31
CA GLY C 111 11.08 -14.89 17.08
C GLY C 111 10.39 -15.12 15.73
N PHE C 112 10.63 -14.27 14.74
CA PHE C 112 9.91 -14.39 13.48
C PHE C 112 10.81 -14.86 12.36
N THR C 113 10.19 -15.45 11.34
CA THR C 113 10.91 -15.64 10.09
CA THR C 113 10.88 -15.73 10.07
C THR C 113 10.20 -14.98 8.91
N ILE C 114 10.94 -14.62 7.87
CA ILE C 114 10.33 -13.85 6.79
C ILE C 114 9.85 -14.79 5.72
N GLN C 115 8.56 -14.71 5.33
CA GLN C 115 8.05 -15.40 4.21
C GLN C 115 8.43 -14.79 2.86
N ASN C 116 8.25 -13.48 2.72
CA ASN C 116 8.59 -12.80 1.42
C ASN C 116 8.46 -11.31 1.56
N VAL C 117 9.02 -10.56 0.61
CA VAL C 117 8.80 -9.13 0.53
C VAL C 117 8.39 -8.85 -0.89
N ASP C 118 7.48 -7.89 -1.04
CA ASP C 118 7.14 -7.31 -2.33
C ASP C 118 7.15 -5.77 -2.20
N SER C 119 7.41 -5.06 -3.30
CA SER C 119 7.58 -3.62 -3.17
C SER C 119 7.40 -2.94 -4.52
N THR C 120 7.26 -1.61 -4.49
CA THR C 120 7.13 -0.84 -5.68
C THR C 120 7.93 0.43 -5.48
N VAL C 121 8.64 0.85 -6.53
CA VAL C 121 9.29 2.14 -6.53
C VAL C 121 8.65 2.97 -7.62
N ILE C 122 8.35 4.24 -7.27
CA ILE C 122 7.71 5.13 -8.20
C ILE C 122 8.60 6.31 -8.50
N ALA C 123 8.94 6.47 -9.77
CA ALA C 123 9.84 7.52 -10.21
C ALA C 123 9.49 7.88 -11.61
N GLN C 124 9.44 9.17 -11.90
CA GLN C 124 9.23 9.53 -13.29
C GLN C 124 10.48 9.28 -14.16
N ALA C 125 11.68 9.37 -13.57
CA ALA C 125 12.94 9.09 -14.29
C ALA C 125 13.97 8.89 -13.21
N PRO C 126 15.07 8.21 -13.50
CA PRO C 126 15.31 7.42 -14.73
C PRO C 126 14.43 6.20 -14.80
N LYS C 127 14.47 5.49 -15.92
CA LYS C 127 13.79 4.20 -16.00
CA LYS C 127 13.84 4.21 -16.04
C LYS C 127 14.43 3.26 -14.96
N LEU C 128 13.57 2.60 -14.18
CA LEU C 128 14.06 1.79 -13.07
C LEU C 128 14.19 0.35 -13.41
N ALA C 129 13.42 -0.09 -14.43
CA ALA C 129 13.41 -1.55 -14.74
C ALA C 129 14.78 -2.20 -14.93
N PRO C 130 15.73 -1.54 -15.63
CA PRO C 130 16.99 -2.26 -15.80
C PRO C 130 17.76 -2.35 -14.48
N HIS C 131 17.33 -1.60 -13.45
CA HIS C 131 18.08 -1.66 -12.17
C HIS C 131 17.49 -2.58 -11.12
N ILE C 132 16.32 -3.15 -11.38
CA ILE C 132 15.54 -3.90 -10.43
C ILE C 132 16.26 -5.20 -9.99
N ASP C 133 16.94 -5.89 -10.91
CA ASP C 133 17.57 -7.20 -10.56
C ASP C 133 18.57 -7.03 -9.49
N GLY C 134 19.35 -5.96 -9.60
CA GLY C 134 20.37 -5.73 -8.59
C GLY C 134 19.74 -5.41 -7.21
N MET C 135 18.59 -4.74 -7.19
CA MET C 135 17.96 -4.44 -5.91
C MET C 135 17.50 -5.77 -5.33
N ARG C 136 16.90 -6.65 -6.14
CA ARG C 136 16.42 -7.95 -5.66
C ARG C 136 17.57 -8.71 -5.03
N ALA C 137 18.72 -8.74 -5.71
CA ALA C 137 19.86 -9.52 -5.19
C ALA C 137 20.43 -8.90 -3.86
N ASN C 138 20.47 -7.58 -3.76
CA ASN C 138 20.90 -6.89 -2.46
C ASN C 138 19.97 -7.19 -1.31
N ILE C 139 18.69 -7.09 -1.57
CA ILE C 139 17.68 -7.27 -0.51
C ILE C 139 17.69 -8.75 -0.11
N ALA C 140 17.66 -9.66 -1.10
CA ALA C 140 17.76 -11.11 -0.80
C ALA C 140 18.97 -11.43 0.08
N ALA C 141 20.13 -10.95 -0.32
CA ALA C 141 21.38 -11.15 0.47
C ALA C 141 21.23 -10.59 1.90
N ASP C 142 20.76 -9.36 2.03
CA ASP C 142 20.57 -8.75 3.36
C ASP C 142 19.50 -9.43 4.24
N LEU C 143 18.46 -10.00 3.66
CA LEU C 143 17.49 -10.67 4.50
C LEU C 143 17.72 -12.19 4.65
N GLY C 144 18.76 -12.71 4.03
CA GLY C 144 19.00 -14.18 3.98
C GLY C 144 17.90 -14.95 3.31
N LEU C 145 17.28 -14.37 2.28
CA LEU C 145 16.19 -15.04 1.60
C LEU C 145 16.57 -15.34 0.17
N PRO C 146 16.05 -16.45 -0.38
CA PRO C 146 16.29 -16.67 -1.78
C PRO C 146 15.62 -15.60 -2.61
N LEU C 147 16.17 -15.40 -3.81
CA LEU C 147 15.58 -14.43 -4.75
C LEU C 147 14.08 -14.58 -4.95
N GLU C 148 13.62 -15.85 -5.02
CA GLU C 148 12.20 -16.11 -5.33
CA GLU C 148 12.20 -16.16 -5.30
C GLU C 148 11.24 -15.64 -4.23
N ARG C 149 11.79 -15.15 -3.09
CA ARG C 149 10.93 -14.57 -2.01
C ARG C 149 11.08 -13.05 -1.92
N VAL C 150 11.66 -12.48 -2.95
CA VAL C 150 11.94 -11.04 -2.95
C VAL C 150 11.54 -10.41 -4.29
N ASN C 151 10.62 -9.43 -4.25
CA ASN C 151 10.11 -8.85 -5.51
C ASN C 151 10.15 -7.32 -5.47
N VAL C 152 10.64 -6.69 -6.55
CA VAL C 152 10.63 -5.21 -6.63
C VAL C 152 9.99 -4.85 -7.96
N LYS C 153 9.07 -3.87 -7.92
CA LYS C 153 8.31 -3.48 -9.14
C LYS C 153 8.59 -1.98 -9.43
N ALA C 154 8.60 -1.59 -10.69
CA ALA C 154 8.92 -0.20 -11.04
C ALA C 154 7.69 0.48 -11.62
N LYS C 155 7.40 1.72 -11.22
CA LYS C 155 6.26 2.43 -11.77
C LYS C 155 6.69 3.88 -12.10
N THR C 156 5.98 4.55 -12.99
CA THR C 156 6.03 6.02 -13.00
C THR C 156 4.79 6.53 -12.35
N ASN C 157 4.70 7.84 -12.20
CA ASN C 157 3.42 8.43 -11.76
C ASN C 157 2.60 9.14 -12.88
N GLU C 158 2.90 8.82 -14.15
CA GLU C 158 2.14 9.33 -15.32
C GLU C 158 2.04 10.88 -15.29
N LYS C 159 3.12 11.52 -14.91
CA LYS C 159 3.33 12.97 -14.89
CA LYS C 159 3.19 12.98 -15.04
C LYS C 159 2.35 13.68 -13.98
N LEU C 160 1.83 12.95 -13.00
CA LEU C 160 0.98 13.53 -11.94
C LEU C 160 1.73 13.86 -10.65
N GLY C 161 1.50 15.09 -10.15
CA GLY C 161 1.99 15.46 -8.82
C GLY C 161 3.49 15.63 -8.78
N TYR C 162 4.04 15.80 -7.59
CA TYR C 162 5.51 15.97 -7.43
C TYR C 162 6.28 14.75 -7.96
N LEU C 163 5.69 13.56 -7.84
CA LEU C 163 6.37 12.36 -8.40
C LEU C 163 6.39 12.45 -9.91
N GLY C 164 5.27 12.81 -10.47
CA GLY C 164 5.17 12.91 -11.92
C GLY C 164 5.98 14.04 -12.52
N ARG C 165 6.36 15.03 -11.71
CA ARG C 165 7.30 16.10 -12.18
C ARG C 165 8.76 15.77 -11.95
N GLY C 166 9.06 14.58 -11.41
CA GLY C 166 10.44 14.25 -11.21
C GLY C 166 11.02 14.85 -9.95
N GLU C 167 10.19 15.28 -8.97
CA GLU C 167 10.78 15.98 -7.83
CA GLU C 167 10.68 15.98 -7.74
C GLU C 167 11.17 15.09 -6.65
N GLY C 168 10.73 13.84 -6.67
CA GLY C 168 11.17 12.88 -5.67
C GLY C 168 10.79 11.46 -6.09
N ILE C 169 11.02 10.50 -5.22
CA ILE C 169 10.78 9.09 -5.53
C ILE C 169 10.15 8.47 -4.31
N GLU C 170 9.14 7.63 -4.52
CA GLU C 170 8.41 7.00 -3.45
C GLU C 170 8.66 5.51 -3.54
N ALA C 171 8.66 4.82 -2.40
CA ALA C 171 8.62 3.34 -2.45
C ALA C 171 7.55 2.87 -1.49
N GLN C 172 6.99 1.70 -1.82
CA GLN C 172 5.98 1.04 -0.98
C GLN C 172 6.50 -0.37 -0.76
N ALA C 173 6.22 -0.97 0.39
CA ALA C 173 6.67 -2.36 0.61
C ALA C 173 5.61 -3.11 1.38
N ALA C 174 5.58 -4.43 1.24
CA ALA C 174 4.76 -5.29 2.10
C ALA C 174 5.62 -6.49 2.45
N ALA C 175 5.42 -7.01 3.68
CA ALA C 175 6.25 -8.15 4.09
C ALA C 175 5.34 -9.03 4.88
N LEU C 176 5.59 -10.33 4.80
CA LEU C 176 4.84 -11.27 5.58
C LEU C 176 5.80 -12.02 6.48
N LEU C 177 5.47 -12.13 7.78
CA LEU C 177 6.31 -12.92 8.72
C LEU C 177 5.53 -14.08 9.31
N VAL C 178 6.25 -15.03 9.91
CA VAL C 178 5.62 -16.11 10.67
C VAL C 178 6.36 -16.14 12.00
N LYS C 179 5.61 -16.00 13.11
CA LYS C 179 6.20 -16.07 14.44
C LYS C 179 6.31 -17.50 14.90
N GLN C 180 7.54 -17.88 15.17
CA GLN C 180 7.94 -19.29 15.38
C GLN C 180 8.05 -19.62 16.87
C1 CIT D . -17.00 9.64 7.33
O1 CIT D . -17.46 8.48 7.43
O2 CIT D . -16.33 10.21 8.25
C2 CIT D . -17.36 10.39 6.06
C3 CIT D . -16.24 10.87 5.12
O7 CIT D . -15.59 12.06 5.68
C4 CIT D . -15.29 9.69 4.70
C5 CIT D . -14.19 9.33 5.72
O3 CIT D . -13.24 8.48 5.51
O4 CIT D . -14.22 9.94 6.79
C6 CIT D . -17.04 11.46 3.97
O5 CIT D . -16.66 11.39 2.79
O6 CIT D . -18.12 12.04 4.27
ZN ZN E . -11.65 9.16 6.93
C1 CIT F . 1.32 2.71 -19.50
O1 CIT F . 0.15 3.16 -19.64
O2 CIT F . 2.31 3.10 -20.19
C2 CIT F . 1.57 1.62 -18.46
C3 CIT F . 0.36 0.80 -18.05
O7 CIT F . -0.92 1.33 -18.01
C4 CIT F . 0.81 -0.43 -17.27
C5 CIT F . 1.00 0.21 -15.91
O3 CIT F . 2.20 0.09 -15.52
O4 CIT F . 0.03 0.86 -15.36
C6 CIT F . 0.07 0.08 -19.46
O5 CIT F . -0.98 0.33 -20.11
O6 CIT F . 0.86 -0.77 -20.01
ZN ZN G . -1.86 1.31 -15.49
C1 CIT H . 17.22 9.19 7.28
O1 CIT H . 17.65 9.84 6.29
O2 CIT H . 17.59 8.04 7.55
C2 CIT H . 16.13 9.77 8.19
C3 CIT H . 15.25 10.75 7.43
O7 CIT H . 16.08 11.39 6.41
C4 CIT H . 13.97 10.01 6.97
C5 CIT H . 14.11 8.71 6.15
O3 CIT H . 15.23 8.43 5.71
O4 CIT H . 13.14 7.92 5.84
C6 CIT H . 14.90 11.89 8.40
O5 CIT H . 14.19 12.89 8.02
O6 CIT H . 15.36 11.78 9.57
P PO4 I . 0.59 16.11 -4.69
O1 PO4 I . -0.62 16.28 -5.59
O2 PO4 I . 0.70 14.83 -3.88
O3 PO4 I . 0.59 17.20 -3.65
O4 PO4 I . 1.78 16.21 -5.61
ZN ZN J . 13.80 7.17 3.89
#